data_7Q8W
#
_entry.id   7Q8W
#
_cell.length_a   171.246
_cell.length_b   39.910
_cell.length_c   49.366
_cell.angle_alpha   90.000
_cell.angle_beta   103.630
_cell.angle_gamma   90.000
#
_symmetry.space_group_name_H-M   'C 1 2 1'
#
loop_
_entity.id
_entity.type
_entity.pdbx_description
1 polymer 'Tau-tubulin kinase 1'
2 non-polymer ~{N}-(4-methoxyphenyl)-7~{H}-pyrrolo[2,3-d]pyrimidin-4-amine
3 non-polymer 'PHOSPHATE ION'
4 non-polymer 1,2-ETHANEDIOL
5 water water
#
_entity_poly.entity_id   1
_entity_poly.type   'polypeptide(L)'
_entity_poly.pdbx_seq_one_letter_code
;MNMSGGGEQADILPANYVVKDRWKVLKKIGGGGFGEIYEAMDLLTRENVALKVESAQQPKQVLKMEVAVLKKLQGKDHVC
RFIGCGRNEKFNYVVMQLQGRNLADLRRSQPRGTFTLSTTLRLGKQILESIEAIHSVGFLHRDIKPSNFAMGRLPSTYRK
CYMLDFGLARQYTNTTGDVRPPRNVAGFRGTVRYASVNAHKNREMGRHDDLWSLFYMLVEFAVGQLPWRKIKDKEQVGMI
KEKYEHRMLLKHMPSEFHLFLDHIASLDYFTKPDYQLIMSVFENSMKERGIAENEAFDWEKAGTDALLS
;
_entity_poly.pdbx_strand_id   A
#
# COMPACT_ATOMS: atom_id res chain seq x y z
N ALA A 10 21.09 -11.06 -14.52
CA ALA A 10 20.77 -9.59 -14.49
C ALA A 10 20.35 -9.16 -13.06
N ASP A 11 20.14 -10.10 -12.15
CA ASP A 11 19.91 -9.80 -10.69
C ASP A 11 21.07 -8.98 -10.15
N ILE A 12 20.79 -8.01 -9.26
CA ILE A 12 21.81 -7.07 -8.72
C ILE A 12 22.72 -7.86 -7.79
N LEU A 13 22.13 -8.62 -6.86
CA LEU A 13 22.84 -9.47 -5.88
C LEU A 13 22.63 -10.94 -6.22
N PRO A 14 23.71 -11.75 -6.28
CA PRO A 14 23.59 -13.20 -6.37
C PRO A 14 23.14 -13.78 -5.03
N ALA A 15 22.50 -14.95 -5.07
CA ALA A 15 22.20 -15.79 -3.88
C ALA A 15 23.51 -16.06 -3.11
N ASN A 16 23.45 -15.96 -1.78
CA ASN A 16 24.58 -16.17 -0.83
C ASN A 16 25.47 -14.93 -0.78
N TYR A 17 25.31 -13.96 -1.67
CA TYR A 17 25.98 -12.64 -1.52
C TYR A 17 25.74 -12.13 -0.09
N VAL A 18 26.76 -11.58 0.57
CA VAL A 18 26.63 -11.04 1.96
C VAL A 18 26.79 -9.52 1.93
N VAL A 19 25.84 -8.80 2.52
CA VAL A 19 25.83 -7.30 2.60
C VAL A 19 26.33 -6.89 3.98
N LYS A 20 27.34 -6.02 4.01
CA LYS A 20 27.92 -5.39 5.24
C LYS A 20 28.24 -6.51 6.25
N ASP A 21 28.74 -7.63 5.76
CA ASP A 21 29.18 -8.78 6.58
C ASP A 21 28.04 -9.19 7.51
N ARG A 22 26.77 -8.99 7.13
CA ARG A 22 25.67 -9.28 8.07
C ARG A 22 24.49 -9.95 7.35
N TRP A 23 24.07 -9.44 6.19
CA TRP A 23 22.78 -9.86 5.61
C TRP A 23 23.08 -10.73 4.41
N LYS A 24 22.78 -12.01 4.52
CA LYS A 24 23.12 -12.99 3.50
C LYS A 24 21.90 -13.23 2.63
N VAL A 25 22.05 -13.01 1.33
CA VAL A 25 20.94 -13.13 0.36
C VAL A 25 20.54 -14.60 0.31
N LEU A 26 19.27 -14.89 0.53
CA LEU A 26 18.71 -16.24 0.33
C LEU A 26 18.14 -16.34 -1.10
N LYS A 27 17.32 -15.38 -1.51
CA LYS A 27 16.62 -15.41 -2.83
C LYS A 27 15.95 -14.05 -3.11
N LYS A 28 15.80 -13.71 -4.38
CA LYS A 28 14.92 -12.61 -4.85
C LYS A 28 13.47 -13.03 -4.58
N ILE A 29 12.67 -12.16 -3.96
CA ILE A 29 11.22 -12.40 -3.73
C ILE A 29 10.39 -11.39 -4.52
N GLY A 30 11.01 -10.34 -5.08
CA GLY A 30 10.30 -9.40 -5.97
C GLY A 30 11.24 -8.45 -6.69
N GLY A 31 10.69 -7.67 -7.60
CA GLY A 31 11.47 -6.94 -8.62
C GLY A 31 10.56 -6.09 -9.48
N GLY A 32 11.15 -5.17 -10.26
CA GLY A 32 10.41 -4.14 -11.03
C GLY A 32 11.31 -2.95 -11.30
N GLY A 33 10.97 -2.16 -12.31
CA GLY A 33 11.93 -1.32 -13.07
C GLY A 33 12.76 -0.42 -12.18
N PHE A 34 12.48 -0.40 -10.86
CA PHE A 34 12.97 0.63 -9.90
C PHE A 34 13.85 0.00 -8.80
N GLY A 35 14.09 -1.31 -8.87
CA GLY A 35 14.95 -2.00 -7.88
C GLY A 35 14.43 -3.38 -7.58
N GLU A 36 15.07 -4.06 -6.62
CA GLU A 36 14.79 -5.48 -6.35
C GLU A 36 14.61 -5.66 -4.85
N ILE A 37 13.85 -6.67 -4.47
CA ILE A 37 13.75 -7.06 -3.06
C ILE A 37 14.15 -8.53 -2.89
N TYR A 38 14.91 -8.78 -1.83
CA TYR A 38 15.48 -10.09 -1.45
C TYR A 38 14.99 -10.50 -0.07
N GLU A 39 14.87 -11.80 0.14
CA GLU A 39 14.85 -12.38 1.49
C GLU A 39 16.30 -12.63 1.88
N ALA A 40 16.74 -12.17 3.05
CA ALA A 40 18.11 -12.42 3.51
C ALA A 40 18.09 -12.98 4.92
N MET A 41 19.16 -13.62 5.30
CA MET A 41 19.36 -14.00 6.70
C MET A 41 20.19 -12.95 7.40
N ASP A 42 19.71 -12.51 8.54
CA ASP A 42 20.49 -11.64 9.42
C ASP A 42 21.45 -12.54 10.21
N LEU A 43 22.72 -12.48 9.88
CA LEU A 43 23.76 -13.35 10.44
C LEU A 43 23.98 -13.02 11.93
N LEU A 44 23.55 -11.86 12.40
CA LEU A 44 23.69 -11.47 13.83
C LEU A 44 22.45 -11.96 14.61
N THR A 45 21.26 -11.52 14.27
CA THR A 45 20.04 -11.77 15.08
C THR A 45 19.40 -13.11 14.71
N ARG A 46 19.72 -13.62 13.52
CA ARG A 46 19.46 -15.02 13.06
C ARG A 46 18.06 -15.10 12.48
N GLU A 47 17.33 -13.99 12.41
CA GLU A 47 16.01 -13.98 11.72
C GLU A 47 16.25 -13.70 10.22
N ASN A 48 15.25 -14.00 9.40
CA ASN A 48 15.25 -13.61 7.98
C ASN A 48 14.65 -12.20 7.91
N VAL A 49 15.06 -11.47 6.90
CA VAL A 49 14.70 -10.04 6.68
C VAL A 49 14.44 -9.80 5.19
N ALA A 50 13.79 -8.66 4.93
CA ALA A 50 13.62 -8.04 3.61
C ALA A 50 14.81 -7.13 3.32
N LEU A 51 15.36 -7.27 2.14
CA LEU A 51 16.51 -6.47 1.67
C LEU A 51 16.12 -5.87 0.31
N LYS A 52 15.91 -4.56 0.26
CA LYS A 52 15.64 -3.82 -0.98
C LYS A 52 16.94 -3.17 -1.45
N VAL A 53 17.22 -3.31 -2.74
CA VAL A 53 18.49 -2.84 -3.33
C VAL A 53 18.14 -2.06 -4.60
N GLU A 54 18.92 -1.04 -4.90
CA GLU A 54 18.89 -0.34 -6.21
C GLU A 54 20.33 -0.10 -6.67
N SER A 55 20.55 -0.19 -7.96
CA SER A 55 21.85 0.11 -8.60
C SER A 55 22.33 1.52 -8.19
N ALA A 56 23.61 1.67 -7.88
CA ALA A 56 24.28 2.98 -7.64
C ALA A 56 24.09 3.90 -8.86
N GLN A 57 23.85 3.31 -10.05
CA GLN A 57 23.89 3.96 -11.40
C GLN A 57 22.48 4.29 -11.91
N GLN A 58 21.57 3.32 -11.81
CA GLN A 58 20.14 3.42 -12.20
C GLN A 58 19.65 4.84 -11.98
N PRO A 59 19.05 5.50 -13.01
CA PRO A 59 18.94 6.97 -13.01
C PRO A 59 17.94 7.54 -11.97
N LYS A 60 16.86 6.79 -11.66
CA LYS A 60 15.85 7.17 -10.61
C LYS A 60 16.20 6.52 -9.27
N GLN A 61 16.59 7.31 -8.26
CA GLN A 61 17.01 6.84 -6.90
C GLN A 61 15.82 6.93 -5.94
N VAL A 62 15.20 5.78 -5.64
CA VAL A 62 13.92 5.66 -4.89
C VAL A 62 14.23 5.38 -3.40
N LEU A 63 15.31 4.66 -3.10
CA LEU A 63 15.50 4.12 -1.75
C LEU A 63 15.68 5.28 -0.78
N LYS A 64 16.26 6.37 -1.21
CA LYS A 64 16.39 7.60 -0.41
C LYS A 64 15.01 8.03 0.05
N MET A 65 14.02 7.95 -0.84
CA MET A 65 12.58 8.18 -0.53
C MET A 65 12.11 7.14 0.50
N GLU A 66 12.20 5.87 0.12
CA GLU A 66 11.71 4.74 0.92
C GLU A 66 12.27 4.85 2.34
N VAL A 67 13.58 5.06 2.48
CA VAL A 67 14.23 5.06 3.81
C VAL A 67 13.69 6.23 4.63
N ALA A 68 13.68 7.44 4.06
CA ALA A 68 13.19 8.67 4.75
C ALA A 68 11.75 8.42 5.28
N VAL A 69 10.87 7.84 4.45
CA VAL A 69 9.46 7.58 4.87
C VAL A 69 9.44 6.48 5.95
N LEU A 70 10.18 5.41 5.75
CA LEU A 70 10.21 4.25 6.67
C LEU A 70 10.71 4.71 8.05
N LYS A 71 11.71 5.58 8.12
CA LYS A 71 12.21 6.10 9.41
C LYS A 71 11.15 7.01 10.07
N LYS A 72 10.48 7.84 9.29
CA LYS A 72 9.48 8.77 9.84
C LYS A 72 8.36 7.96 10.48
N LEU A 73 8.10 6.73 9.98
CA LEU A 73 6.89 5.96 10.36
C LEU A 73 7.21 4.97 11.50
N GLN A 74 8.48 4.85 11.91
CA GLN A 74 8.87 3.92 13.00
C GLN A 74 8.07 4.29 14.26
N GLY A 75 7.50 3.29 14.93
CA GLY A 75 6.64 3.47 16.10
C GLY A 75 5.17 3.48 15.71
N LYS A 76 4.84 3.49 14.41
CA LYS A 76 3.45 3.31 13.93
C LYS A 76 3.16 1.83 13.86
N ASP A 77 1.89 1.46 14.00
CA ASP A 77 1.47 0.10 13.61
C ASP A 77 1.49 0.03 12.06
N HIS A 78 1.56 -1.17 11.52
CA HIS A 78 1.32 -1.47 10.09
C HIS A 78 2.52 -1.05 9.24
N VAL A 79 3.67 -0.79 9.83
CA VAL A 79 4.90 -0.61 9.03
CA VAL A 79 4.93 -0.53 9.09
C VAL A 79 6.00 -1.53 9.55
N CYS A 80 6.88 -1.90 8.66
CA CYS A 80 8.04 -2.78 8.91
C CYS A 80 9.04 -2.10 9.83
N ARG A 81 9.57 -2.82 10.78
CA ARG A 81 10.69 -2.33 11.61
CA ARG A 81 10.69 -2.33 11.60
C ARG A 81 11.88 -2.07 10.67
N PHE A 82 12.49 -0.90 10.82
CA PHE A 82 13.71 -0.50 10.08
C PHE A 82 14.92 -1.19 10.73
N ILE A 83 15.78 -1.81 9.92
CA ILE A 83 16.91 -2.61 10.44
C ILE A 83 18.21 -1.92 10.03
N GLY A 84 18.36 -1.55 8.76
CA GLY A 84 19.56 -0.83 8.30
C GLY A 84 19.46 -0.33 6.88
N CYS A 85 20.39 0.52 6.48
CA CYS A 85 20.51 1.08 5.11
C CYS A 85 21.99 1.34 4.85
N GLY A 86 22.36 1.48 3.60
CA GLY A 86 23.75 1.70 3.24
C GLY A 86 23.87 2.00 1.77
N ARG A 87 24.99 2.60 1.42
CA ARG A 87 25.41 2.91 0.05
C ARG A 87 26.74 2.19 -0.22
N ASN A 88 27.15 2.14 -1.48
CA ASN A 88 28.51 1.81 -1.96
C ASN A 88 28.51 1.86 -3.48
N GLU A 89 29.65 1.60 -4.09
CA GLU A 89 29.92 1.82 -5.53
C GLU A 89 28.82 1.18 -6.40
N LYS A 90 28.30 0.00 -6.01
CA LYS A 90 27.51 -0.92 -6.90
C LYS A 90 25.99 -0.77 -6.66
N PHE A 91 25.56 -0.55 -5.41
CA PHE A 91 24.11 -0.46 -5.03
C PHE A 91 23.92 0.33 -3.73
N ASN A 92 22.69 0.81 -3.51
CA ASN A 92 22.15 1.22 -2.20
C ASN A 92 21.18 0.14 -1.70
N TYR A 93 20.90 0.12 -0.41
CA TYR A 93 20.13 -0.98 0.21
C TYR A 93 19.43 -0.49 1.47
N VAL A 94 18.28 -1.09 1.72
CA VAL A 94 17.55 -0.91 3.01
CA VAL A 94 17.49 -0.91 2.97
C VAL A 94 17.11 -2.29 3.49
N VAL A 95 17.33 -2.53 4.75
CA VAL A 95 17.00 -3.81 5.43
C VAL A 95 15.85 -3.51 6.35
N MET A 96 14.78 -4.28 6.25
CA MET A 96 13.61 -4.08 7.10
C MET A 96 12.98 -5.44 7.41
N GLN A 97 12.02 -5.41 8.33
CA GLN A 97 11.33 -6.61 8.82
C GLN A 97 10.65 -7.32 7.64
N LEU A 98 10.81 -8.64 7.56
CA LEU A 98 10.18 -9.50 6.53
C LEU A 98 8.74 -9.75 6.96
N GLN A 99 7.78 -9.65 6.02
CA GLN A 99 6.33 -9.92 6.28
C GLN A 99 5.91 -11.10 5.43
N GLY A 100 4.67 -11.57 5.62
CA GLY A 100 4.17 -12.84 5.03
C GLY A 100 3.51 -12.60 3.67
N ARG A 101 2.36 -13.20 3.44
CA ARG A 101 1.68 -13.26 2.12
C ARG A 101 1.03 -11.91 1.84
N ASN A 102 1.22 -11.38 0.63
CA ASN A 102 0.59 -10.11 0.22
C ASN A 102 -0.91 -10.37 -0.05
N LEU A 103 -1.70 -9.30 0.03
CA LEU A 103 -3.18 -9.35 -0.07
C LEU A 103 -3.63 -9.74 -1.51
N ALA A 104 -2.84 -9.43 -2.54
CA ALA A 104 -3.12 -9.85 -3.93
C ALA A 104 -3.05 -11.38 -4.04
N ASP A 105 -1.99 -12.01 -3.52
CA ASP A 105 -1.89 -13.49 -3.47
C ASP A 105 -3.03 -14.04 -2.61
N LEU A 106 -3.25 -13.52 -1.40
CA LEU A 106 -4.34 -14.05 -0.53
C LEU A 106 -5.68 -13.95 -1.26
N ARG A 107 -5.93 -12.88 -2.03
CA ARG A 107 -7.25 -12.73 -2.70
C ARG A 107 -7.39 -13.75 -3.81
N ARG A 108 -6.39 -13.83 -4.67
CA ARG A 108 -6.28 -14.78 -5.80
C ARG A 108 -6.50 -16.21 -5.31
N SER A 109 -6.05 -16.52 -4.08
CA SER A 109 -6.08 -17.89 -3.53
C SER A 109 -7.50 -18.29 -3.12
N GLN A 110 -8.38 -17.29 -2.87
CA GLN A 110 -9.79 -17.51 -2.43
C GLN A 110 -10.55 -18.21 -3.54
N PRO A 111 -11.50 -19.11 -3.20
CA PRO A 111 -12.25 -19.83 -4.21
C PRO A 111 -12.87 -18.86 -5.25
N ARG A 112 -13.51 -17.78 -4.83
CA ARG A 112 -14.28 -16.97 -5.80
C ARG A 112 -13.47 -15.73 -6.14
N GLY A 113 -12.21 -15.69 -5.73
CA GLY A 113 -11.38 -14.48 -5.77
C GLY A 113 -12.00 -13.38 -4.93
N THR A 114 -12.78 -13.73 -3.90
CA THR A 114 -13.45 -12.73 -3.02
C THR A 114 -13.08 -13.03 -1.59
N PHE A 115 -12.91 -12.00 -0.79
CA PHE A 115 -12.91 -12.11 0.69
C PHE A 115 -14.36 -11.97 1.17
N THR A 116 -14.70 -12.65 2.25
CA THR A 116 -15.89 -12.35 3.09
C THR A 116 -15.82 -10.89 3.48
N LEU A 117 -16.95 -10.35 3.90
CA LEU A 117 -17.08 -8.95 4.35
C LEU A 117 -16.34 -8.78 5.68
N SER A 118 -16.30 -9.83 6.50
CA SER A 118 -15.53 -9.86 7.77
C SER A 118 -14.04 -9.57 7.48
N THR A 119 -13.43 -10.36 6.62
CA THR A 119 -12.02 -10.14 6.20
C THR A 119 -11.90 -8.75 5.54
N THR A 120 -12.80 -8.41 4.63
CA THR A 120 -12.70 -7.17 3.84
C THR A 120 -12.70 -5.98 4.81
N LEU A 121 -13.62 -5.93 5.74
CA LEU A 121 -13.85 -4.72 6.55
C LEU A 121 -12.68 -4.54 7.50
N ARG A 122 -12.16 -5.64 8.01
CA ARG A 122 -11.07 -5.62 9.01
C ARG A 122 -9.75 -5.25 8.34
N LEU A 123 -9.52 -5.67 7.10
CA LEU A 123 -8.37 -5.18 6.33
C LEU A 123 -8.53 -3.68 6.06
N GLY A 124 -9.73 -3.23 5.70
CA GLY A 124 -10.02 -1.80 5.49
C GLY A 124 -9.61 -0.96 6.67
N LYS A 125 -9.91 -1.39 7.88
CA LYS A 125 -9.57 -0.61 9.10
C LYS A 125 -8.05 -0.47 9.21
N GLN A 126 -7.30 -1.55 8.99
CA GLN A 126 -5.82 -1.54 9.12
C GLN A 126 -5.21 -0.71 7.99
N ILE A 127 -5.63 -0.90 6.78
CA ILE A 127 -5.08 -0.14 5.64
C ILE A 127 -5.37 1.34 5.81
N LEU A 128 -6.59 1.71 6.25
CA LEU A 128 -6.95 3.12 6.49
C LEU A 128 -6.00 3.73 7.54
N GLU A 129 -5.77 3.04 8.64
CA GLU A 129 -4.79 3.48 9.69
C GLU A 129 -3.42 3.76 9.03
N SER A 130 -2.97 2.88 8.15
CA SER A 130 -1.62 2.99 7.58
C SER A 130 -1.62 4.17 6.60
N ILE A 131 -2.75 4.48 6.00
CA ILE A 131 -2.87 5.63 5.06
C ILE A 131 -2.89 6.92 5.87
N GLU A 132 -3.65 6.96 6.95
CA GLU A 132 -3.65 8.16 7.85
C GLU A 132 -2.25 8.37 8.42
N ALA A 133 -1.56 7.28 8.79
CA ALA A 133 -0.19 7.33 9.33
C ALA A 133 0.76 8.01 8.32
N ILE A 134 0.79 7.59 7.05
CA ILE A 134 1.79 8.15 6.10
C ILE A 134 1.41 9.62 5.78
N HIS A 135 0.14 9.92 5.72
CA HIS A 135 -0.34 11.32 5.50
C HIS A 135 0.11 12.16 6.70
N SER A 136 0.04 11.61 7.90
CA SER A 136 0.33 12.36 9.15
C SER A 136 1.80 12.77 9.19
N VAL A 137 2.70 12.08 8.47
CA VAL A 137 4.13 12.48 8.45
C VAL A 137 4.44 13.20 7.13
N GLY A 138 3.42 13.64 6.39
CA GLY A 138 3.60 14.61 5.30
C GLY A 138 3.77 13.96 3.91
N PHE A 139 3.51 12.68 3.76
CA PHE A 139 3.68 11.97 2.49
C PHE A 139 2.38 11.37 2.00
N LEU A 140 2.20 11.41 0.67
CA LEU A 140 1.21 10.60 -0.07
C LEU A 140 1.86 9.27 -0.48
N HIS A 141 1.12 8.17 -0.45
CA HIS A 141 1.61 6.87 -0.89
C HIS A 141 1.64 6.84 -2.43
N ARG A 142 0.47 7.06 -3.04
CA ARG A 142 0.25 7.23 -4.50
C ARG A 142 0.23 5.87 -5.21
N ASP A 143 0.38 4.77 -4.49
CA ASP A 143 0.41 3.45 -5.16
C ASP A 143 -0.31 2.41 -4.31
N ILE A 144 -1.43 2.81 -3.72
CA ILE A 144 -2.22 1.93 -2.84
C ILE A 144 -2.84 0.84 -3.74
N LYS A 145 -2.49 -0.41 -3.45
CA LYS A 145 -2.86 -1.63 -4.17
C LYS A 145 -2.62 -2.84 -3.27
N PRO A 146 -3.30 -3.95 -3.52
CA PRO A 146 -3.22 -5.12 -2.65
C PRO A 146 -1.81 -5.70 -2.49
N SER A 147 -1.01 -5.68 -3.56
CA SER A 147 0.36 -6.26 -3.53
C SER A 147 1.31 -5.39 -2.69
N ASN A 148 0.87 -4.21 -2.25
CA ASN A 148 1.67 -3.31 -1.37
C ASN A 148 1.31 -3.51 0.10
N PHE A 149 0.57 -4.56 0.42
CA PHE A 149 0.26 -4.94 1.81
C PHE A 149 0.48 -6.44 2.00
N ALA A 150 0.84 -6.82 3.20
CA ALA A 150 0.96 -8.23 3.57
C ALA A 150 0.64 -8.39 5.05
N MET A 151 0.22 -9.59 5.43
CA MET A 151 0.02 -10.03 6.82
C MET A 151 1.37 -10.38 7.43
N GLY A 152 1.49 -10.31 8.75
CA GLY A 152 2.70 -10.70 9.51
C GLY A 152 3.00 -12.19 9.37
N ARG A 153 4.14 -12.61 9.85
CA ARG A 153 4.59 -14.04 9.82
C ARG A 153 5.12 -14.45 11.20
N LEU A 154 4.63 -13.84 12.28
CA LEU A 154 4.98 -14.16 13.69
C LEU A 154 3.70 -14.39 14.50
N PRO A 155 3.76 -15.21 15.57
CA PRO A 155 2.64 -15.33 16.52
C PRO A 155 2.06 -13.95 16.95
N SER A 156 2.95 -12.96 17.02
CA SER A 156 2.64 -11.58 17.46
C SER A 156 2.09 -10.72 16.33
N THR A 157 2.04 -11.17 15.07
CA THR A 157 1.75 -10.27 13.92
C THR A 157 0.87 -10.92 12.85
N TYR A 158 0.63 -12.21 12.94
CA TYR A 158 0.01 -12.95 11.81
C TYR A 158 -1.38 -12.37 11.49
N ARG A 159 -1.98 -11.57 12.38
CA ARG A 159 -3.31 -10.96 12.11
C ARG A 159 -3.17 -9.45 11.90
N LYS A 160 -1.95 -8.97 11.72
CA LYS A 160 -1.68 -7.55 11.39
C LYS A 160 -1.31 -7.43 9.93
N CYS A 161 -1.73 -6.32 9.35
CA CYS A 161 -1.56 -5.97 7.93
C CYS A 161 -0.57 -4.81 7.82
N TYR A 162 0.48 -4.98 7.02
CA TYR A 162 1.61 -4.02 6.88
C TYR A 162 1.62 -3.38 5.50
N MET A 163 1.79 -2.07 5.48
CA MET A 163 2.17 -1.29 4.28
C MET A 163 3.65 -1.57 4.00
N LEU A 164 3.99 -2.04 2.81
CA LEU A 164 5.29 -2.70 2.51
C LEU A 164 6.29 -1.74 1.87
N ASP A 165 5.83 -0.76 1.10
CA ASP A 165 6.68 -0.06 0.10
C ASP A 165 6.22 1.41 -0.03
N PHE A 166 7.17 2.33 -0.20
CA PHE A 166 6.97 3.79 -0.24
C PHE A 166 7.65 4.39 -1.47
N GLY A 167 7.93 3.56 -2.47
CA GLY A 167 8.83 3.94 -3.58
C GLY A 167 8.20 4.97 -4.52
N LEU A 168 6.89 5.13 -4.51
CA LEU A 168 6.22 6.18 -5.35
C LEU A 168 5.76 7.36 -4.48
N ALA A 169 6.11 7.37 -3.21
CA ALA A 169 5.57 8.37 -2.26
C ALA A 169 6.10 9.77 -2.63
N ARG A 170 5.40 10.82 -2.21
CA ARG A 170 5.83 12.21 -2.46
C ARG A 170 5.39 13.06 -1.29
N GLN A 171 6.27 13.92 -0.81
CA GLN A 171 5.97 14.86 0.27
C GLN A 171 4.88 15.82 -0.24
N TYR A 172 3.78 16.02 0.49
CA TYR A 172 2.75 17.04 0.05
C TYR A 172 2.79 18.30 0.95
N THR A 173 3.68 18.34 1.94
CA THR A 173 3.89 19.52 2.80
C THR A 173 5.29 20.11 2.57
N ASN A 174 5.52 21.33 3.10
CA ASN A 174 6.85 21.84 3.51
C ASN A 174 7.15 21.38 4.93
N THR A 175 8.19 21.97 5.52
CA THR A 175 8.71 21.70 6.89
C THR A 175 7.65 22.10 7.95
N THR A 176 6.75 23.02 7.58
CA THR A 176 5.85 23.79 8.50
C THR A 176 4.45 23.14 8.58
N GLY A 177 4.16 22.18 7.70
CA GLY A 177 2.82 21.55 7.60
C GLY A 177 1.91 22.26 6.58
N ASP A 178 2.41 23.23 5.85
CA ASP A 178 1.62 23.84 4.74
C ASP A 178 1.68 22.92 3.54
N VAL A 179 0.57 22.79 2.86
CA VAL A 179 0.43 22.01 1.63
C VAL A 179 1.24 22.68 0.55
N ARG A 180 2.13 21.94 -0.06
CA ARG A 180 2.88 22.40 -1.24
C ARG A 180 1.89 22.80 -2.32
N PRO A 181 2.28 23.74 -3.18
CA PRO A 181 1.52 24.02 -4.40
C PRO A 181 1.43 22.79 -5.29
N PRO A 182 0.27 22.49 -5.89
CA PRO A 182 0.16 21.36 -6.82
C PRO A 182 0.80 21.80 -8.15
N ARG A 183 1.49 20.90 -8.85
CA ARG A 183 1.88 21.14 -10.26
C ARG A 183 0.60 21.23 -11.10
N ASN A 184 0.63 21.97 -12.19
CA ASN A 184 -0.48 22.03 -13.17
C ASN A 184 -0.69 20.66 -13.83
N VAL A 185 0.38 19.91 -14.03
CA VAL A 185 0.34 18.55 -14.63
C VAL A 185 1.31 17.67 -13.85
N ALA A 186 0.89 16.48 -13.49
CA ALA A 186 1.74 15.44 -12.86
C ALA A 186 1.42 14.10 -13.49
N GLY A 187 2.38 13.55 -14.22
CA GLY A 187 2.21 12.27 -14.91
C GLY A 187 1.99 11.21 -13.89
N PHE A 188 0.84 10.58 -13.90
CA PHE A 188 0.50 9.54 -12.92
C PHE A 188 1.40 8.31 -13.15
N ARG A 189 1.83 7.67 -12.09
CA ARG A 189 2.91 6.66 -12.18
C ARG A 189 2.46 5.32 -11.59
N GLY A 190 1.36 5.29 -10.84
CA GLY A 190 0.92 4.11 -10.07
C GLY A 190 0.28 3.03 -10.94
N THR A 191 -0.46 2.14 -10.30
CA THR A 191 -1.13 1.00 -10.94
C THR A 191 -2.47 1.47 -11.49
N VAL A 192 -2.78 1.06 -12.69
CA VAL A 192 -3.97 1.55 -13.43
C VAL A 192 -5.24 1.17 -12.65
N ARG A 193 -5.34 -0.06 -12.12
CA ARG A 193 -6.64 -0.62 -11.66
C ARG A 193 -7.23 0.28 -10.56
N TYR A 194 -6.41 0.83 -9.65
CA TYR A 194 -6.84 1.45 -8.36
C TYR A 194 -6.64 2.96 -8.39
N ALA A 195 -6.22 3.53 -9.53
CA ALA A 195 -5.93 4.96 -9.66
C ALA A 195 -7.24 5.75 -9.63
N SER A 196 -7.26 6.89 -8.96
CA SER A 196 -8.41 7.83 -8.97
C SER A 196 -8.54 8.46 -10.35
N VAL A 197 -9.70 9.01 -10.62
CA VAL A 197 -9.97 9.82 -11.85
C VAL A 197 -8.97 10.96 -11.91
N ASN A 198 -8.59 11.53 -10.77
CA ASN A 198 -7.66 12.69 -10.72
C ASN A 198 -6.29 12.26 -11.23
N ALA A 199 -5.86 11.06 -10.86
CA ALA A 199 -4.55 10.55 -11.30
C ALA A 199 -4.64 10.27 -12.81
N HIS A 200 -5.73 9.69 -13.26
CA HIS A 200 -5.91 9.37 -14.70
C HIS A 200 -5.78 10.66 -15.50
N LYS A 201 -6.19 11.78 -14.89
CA LYS A 201 -6.22 13.07 -15.61
C LYS A 201 -4.86 13.76 -15.47
N ASN A 202 -3.88 13.09 -14.87
CA ASN A 202 -2.51 13.63 -14.71
C ASN A 202 -2.56 14.95 -13.92
N ARG A 203 -3.39 15.00 -12.88
CA ARG A 203 -3.47 16.09 -11.90
C ARG A 203 -2.61 15.72 -10.72
N GLU A 204 -2.09 16.71 -10.02
CA GLU A 204 -1.37 16.48 -8.74
C GLU A 204 -2.27 15.67 -7.84
N MET A 205 -1.76 14.55 -7.33
CA MET A 205 -2.53 13.68 -6.42
C MET A 205 -2.55 14.27 -5.01
N GLY A 206 -3.60 13.98 -4.26
CA GLY A 206 -3.79 14.48 -2.89
C GLY A 206 -3.99 13.31 -1.96
N ARG A 207 -4.30 13.60 -0.73
CA ARG A 207 -4.57 12.53 0.27
C ARG A 207 -5.81 11.77 -0.15
N HIS A 208 -6.76 12.45 -0.79
CA HIS A 208 -8.04 11.81 -1.16
C HIS A 208 -7.78 10.72 -2.22
N ASP A 209 -6.75 10.86 -3.03
CA ASP A 209 -6.46 9.91 -4.14
C ASP A 209 -5.99 8.57 -3.54
N ASP A 210 -5.34 8.60 -2.38
CA ASP A 210 -4.97 7.34 -1.69
C ASP A 210 -6.26 6.70 -1.23
N LEU A 211 -7.23 7.51 -0.81
CA LEU A 211 -8.50 6.97 -0.25
C LEU A 211 -9.39 6.46 -1.37
N TRP A 212 -9.35 7.06 -2.57
CA TRP A 212 -9.97 6.46 -3.77
C TRP A 212 -9.43 5.07 -4.03
N SER A 213 -8.10 4.92 -3.95
CA SER A 213 -7.44 3.63 -4.24
C SER A 213 -7.93 2.59 -3.20
N LEU A 214 -8.04 2.99 -1.94
CA LEU A 214 -8.59 2.12 -0.85
C LEU A 214 -10.04 1.72 -1.18
N PHE A 215 -10.86 2.67 -1.57
CA PHE A 215 -12.27 2.43 -1.94
C PHE A 215 -12.35 1.36 -3.05
N TYR A 216 -11.57 1.50 -4.12
CA TYR A 216 -11.59 0.53 -5.25
C TYR A 216 -11.09 -0.85 -4.80
N MET A 217 -10.06 -0.89 -3.98
CA MET A 217 -9.50 -2.14 -3.46
C MET A 217 -10.53 -2.92 -2.64
N LEU A 218 -11.25 -2.25 -1.73
CA LEU A 218 -12.26 -2.90 -0.84
C LEU A 218 -13.47 -3.38 -1.65
N VAL A 219 -13.85 -2.67 -2.69
CA VAL A 219 -14.91 -3.16 -3.60
C VAL A 219 -14.42 -4.44 -4.27
N GLU A 220 -13.21 -4.43 -4.82
CA GLU A 220 -12.66 -5.59 -5.52
C GLU A 220 -12.53 -6.78 -4.55
N PHE A 221 -12.13 -6.54 -3.31
CA PHE A 221 -12.07 -7.56 -2.24
C PHE A 221 -13.45 -8.25 -2.08
N ALA A 222 -14.49 -7.47 -1.84
CA ALA A 222 -15.80 -7.99 -1.41
C ALA A 222 -16.53 -8.54 -2.62
N VAL A 223 -16.31 -7.99 -3.80
CA VAL A 223 -17.13 -8.33 -5.00
C VAL A 223 -16.33 -9.21 -5.97
N GLY A 224 -14.99 -9.13 -5.96
CA GLY A 224 -14.10 -10.12 -6.58
C GLY A 224 -13.50 -9.61 -7.87
N GLN A 225 -13.99 -8.47 -8.35
CA GLN A 225 -13.59 -7.86 -9.63
C GLN A 225 -14.00 -6.39 -9.57
N LEU A 226 -13.38 -5.55 -10.42
CA LEU A 226 -13.86 -4.18 -10.78
C LEU A 226 -14.30 -4.19 -12.23
N PRO A 227 -15.21 -3.29 -12.65
CA PRO A 227 -15.76 -3.32 -14.01
C PRO A 227 -14.66 -3.27 -15.10
N TRP A 228 -13.51 -2.63 -14.83
CA TRP A 228 -12.41 -2.33 -15.80
C TRP A 228 -11.25 -3.36 -15.68
N ARG A 229 -11.46 -4.43 -14.91
CA ARG A 229 -10.49 -5.54 -14.63
C ARG A 229 -9.65 -5.90 -15.88
N LYS A 230 -10.29 -6.12 -17.02
CA LYS A 230 -9.64 -6.79 -18.19
C LYS A 230 -9.10 -5.74 -19.17
N ILE A 231 -9.04 -4.48 -18.77
CA ILE A 231 -8.46 -3.38 -19.57
C ILE A 231 -7.11 -2.97 -18.96
N LYS A 232 -6.06 -2.94 -19.77
CA LYS A 232 -4.68 -2.67 -19.32
C LYS A 232 -4.26 -1.28 -19.83
N ASP A 233 -4.92 -0.80 -20.88
CA ASP A 233 -4.73 0.55 -21.45
C ASP A 233 -5.16 1.63 -20.44
N LYS A 234 -4.24 2.51 -20.09
CA LYS A 234 -4.46 3.51 -19.01
C LYS A 234 -5.59 4.48 -19.43
N GLU A 235 -5.53 5.04 -20.61
CA GLU A 235 -6.50 6.08 -21.03
C GLU A 235 -7.95 5.50 -21.04
N GLN A 236 -8.05 4.25 -21.57
CA GLN A 236 -9.33 3.49 -21.59
C GLN A 236 -9.88 3.36 -20.17
N VAL A 237 -9.06 2.89 -19.24
CA VAL A 237 -9.52 2.66 -17.85
C VAL A 237 -10.06 3.99 -17.30
N GLY A 238 -9.32 5.08 -17.52
CA GLY A 238 -9.68 6.43 -17.04
C GLY A 238 -11.04 6.85 -17.57
N MET A 239 -11.31 6.57 -18.82
CA MET A 239 -12.56 7.02 -19.48
C MET A 239 -13.74 6.20 -18.94
N ILE A 240 -13.51 4.90 -18.71
CA ILE A 240 -14.51 4.03 -18.06
C ILE A 240 -14.81 4.58 -16.66
N LYS A 241 -13.79 4.90 -15.87
CA LYS A 241 -13.98 5.33 -14.46
C LYS A 241 -14.73 6.67 -14.39
N GLU A 242 -14.44 7.58 -15.30
CA GLU A 242 -14.98 8.96 -15.26
C GLU A 242 -16.49 8.93 -15.48
N LYS A 243 -16.96 7.98 -16.29
CA LYS A 243 -18.39 7.78 -16.67
C LYS A 243 -19.13 7.01 -15.56
N TYR A 244 -18.47 6.01 -14.97
CA TYR A 244 -19.11 4.86 -14.29
C TYR A 244 -19.83 5.36 -13.04
N GLU A 245 -21.09 4.98 -12.88
CA GLU A 245 -21.92 5.37 -11.72
C GLU A 245 -21.46 4.54 -10.52
N HIS A 246 -20.71 5.15 -9.61
CA HIS A 246 -19.95 4.44 -8.56
C HIS A 246 -20.90 3.87 -7.49
N ARG A 247 -22.18 4.28 -7.50
CA ARG A 247 -23.19 3.68 -6.59
C ARG A 247 -23.43 2.20 -6.99
N MET A 248 -23.36 1.92 -8.31
CA MET A 248 -23.38 0.56 -8.92
C MET A 248 -22.32 -0.34 -8.26
N LEU A 249 -21.15 0.22 -7.94
CA LEU A 249 -20.08 -0.51 -7.23
C LEU A 249 -20.60 -0.95 -5.86
N LEU A 250 -21.54 -0.18 -5.28
CA LEU A 250 -21.96 -0.35 -3.87
C LEU A 250 -23.22 -1.22 -3.80
N LYS A 251 -23.77 -1.58 -4.98
CA LYS A 251 -25.00 -2.42 -5.11
C LYS A 251 -24.99 -3.48 -4.01
N HIS A 252 -23.91 -4.27 -3.93
CA HIS A 252 -23.73 -5.47 -3.09
C HIS A 252 -22.69 -5.23 -1.98
N MET A 253 -22.52 -3.99 -1.49
CA MET A 253 -21.66 -3.61 -0.33
C MET A 253 -22.53 -3.04 0.80
N PRO A 254 -22.04 -2.86 2.05
CA PRO A 254 -22.82 -2.21 3.10
C PRO A 254 -23.17 -0.78 2.71
N SER A 255 -24.36 -0.30 3.02
CA SER A 255 -24.88 1.00 2.51
C SER A 255 -24.07 2.21 3.12
N GLU A 256 -23.50 1.93 4.33
CA GLU A 256 -22.63 2.90 5.06
C GLU A 256 -21.46 3.31 4.13
N PHE A 257 -21.19 2.55 3.07
CA PHE A 257 -20.11 2.84 2.10
C PHE A 257 -20.49 4.02 1.22
N HIS A 258 -21.80 4.36 1.16
CA HIS A 258 -22.26 5.55 0.38
C HIS A 258 -21.67 6.83 0.99
N LEU A 259 -21.50 6.78 2.33
CA LEU A 259 -20.86 7.87 3.11
C LEU A 259 -19.38 7.98 2.72
N PHE A 260 -18.70 6.85 2.59
CA PHE A 260 -17.25 6.77 2.23
C PHE A 260 -17.09 7.43 0.85
N LEU A 261 -17.91 6.99 -0.10
CA LEU A 261 -17.89 7.48 -1.50
C LEU A 261 -18.14 8.99 -1.53
N ASP A 262 -19.26 9.40 -0.95
CA ASP A 262 -19.73 10.79 -0.92
C ASP A 262 -18.63 11.66 -0.33
N HIS A 263 -18.00 11.21 0.75
CA HIS A 263 -16.97 12.03 1.41
C HIS A 263 -15.79 12.21 0.45
N ILE A 264 -15.25 11.14 -0.10
CA ILE A 264 -13.98 11.29 -0.87
C ILE A 264 -14.27 12.03 -2.19
N ALA A 265 -15.49 11.95 -2.73
CA ALA A 265 -15.89 12.62 -3.99
C ALA A 265 -15.96 14.14 -3.78
N SER A 266 -16.12 14.56 -2.53
CA SER A 266 -16.22 15.97 -2.11
C SER A 266 -14.83 16.58 -1.88
N LEU A 267 -13.77 15.78 -1.69
CA LEU A 267 -12.44 16.31 -1.30
C LEU A 267 -11.76 16.92 -2.53
N ASP A 268 -10.82 17.82 -2.29
CA ASP A 268 -9.85 18.28 -3.32
C ASP A 268 -8.42 18.07 -2.77
N TYR A 269 -7.41 18.41 -3.59
CA TYR A 269 -5.96 18.33 -3.29
C TYR A 269 -5.67 18.97 -1.93
N PHE A 270 -6.28 20.13 -1.62
CA PHE A 270 -5.92 20.92 -0.42
C PHE A 270 -6.58 20.39 0.85
N THR A 271 -7.70 19.66 0.76
CA THR A 271 -8.59 19.41 1.90
C THR A 271 -8.17 18.16 2.69
N LYS A 272 -8.01 18.28 4.00
CA LYS A 272 -7.68 17.12 4.84
C LYS A 272 -8.87 16.17 4.88
N PRO A 273 -8.71 14.88 4.56
CA PRO A 273 -9.84 13.95 4.67
C PRO A 273 -10.32 13.79 6.11
N ASP A 274 -11.58 13.35 6.28
CA ASP A 274 -12.16 12.88 7.56
C ASP A 274 -11.96 11.36 7.68
N TYR A 275 -10.84 10.95 8.26
CA TYR A 275 -10.47 9.52 8.35
C TYR A 275 -11.40 8.84 9.35
N GLN A 276 -11.79 9.54 10.43
CA GLN A 276 -12.71 8.94 11.44
C GLN A 276 -14.09 8.66 10.79
N LEU A 277 -14.57 9.53 9.92
CA LEU A 277 -15.80 9.24 9.12
C LEU A 277 -15.62 7.86 8.46
N ILE A 278 -14.50 7.65 7.78
CA ILE A 278 -14.31 6.43 6.99
C ILE A 278 -14.10 5.25 7.94
N MET A 279 -13.36 5.42 9.03
CA MET A 279 -13.19 4.35 10.07
C MET A 279 -14.57 3.93 10.59
N SER A 280 -15.47 4.89 10.76
CA SER A 280 -16.86 4.67 11.24
C SER A 280 -17.62 3.77 10.29
N VAL A 281 -17.46 4.02 8.99
CA VAL A 281 -18.14 3.24 7.93
C VAL A 281 -17.83 1.75 8.12
N PHE A 282 -16.56 1.42 8.35
CA PHE A 282 -16.09 0.02 8.47
C PHE A 282 -16.66 -0.57 9.76
N GLU A 283 -16.50 0.16 10.87
CA GLU A 283 -16.86 -0.31 12.25
C GLU A 283 -18.37 -0.51 12.33
N ASN A 284 -19.13 0.48 11.89
CA ASN A 284 -20.61 0.41 11.86
C ASN A 284 -20.98 -0.80 11.01
N SER A 285 -20.30 -1.01 9.89
CA SER A 285 -20.62 -2.10 8.95
C SER A 285 -20.41 -3.45 9.64
N MET A 286 -19.37 -3.57 10.46
CA MET A 286 -19.09 -4.80 11.25
C MET A 286 -20.18 -4.95 12.33
N LYS A 287 -20.47 -3.85 13.03
CA LYS A 287 -21.50 -3.74 14.10
C LYS A 287 -22.82 -4.30 13.56
N GLU A 288 -23.43 -3.64 12.57
CA GLU A 288 -24.77 -4.04 12.06
C GLU A 288 -24.78 -5.52 11.67
N ARG A 289 -23.62 -6.20 11.66
CA ARG A 289 -23.53 -7.59 11.12
C ARG A 289 -22.85 -8.53 12.11
N GLY A 290 -22.53 -8.06 13.32
CA GLY A 290 -21.96 -8.88 14.39
C GLY A 290 -20.67 -9.55 13.95
N ILE A 291 -19.97 -8.95 13.00
CA ILE A 291 -18.56 -9.27 12.66
C ILE A 291 -17.70 -8.85 13.84
N ALA A 292 -16.90 -9.76 14.36
CA ALA A 292 -16.07 -9.57 15.57
C ALA A 292 -14.65 -9.21 15.14
N GLU A 293 -14.00 -8.35 15.91
CA GLU A 293 -12.62 -7.88 15.68
C GLU A 293 -11.64 -9.06 15.82
N ASN A 294 -12.08 -10.16 16.41
CA ASN A 294 -11.20 -11.34 16.69
C ASN A 294 -11.64 -12.56 15.87
N GLU A 295 -12.41 -12.36 14.80
CA GLU A 295 -12.81 -13.47 13.88
C GLU A 295 -11.58 -13.91 13.04
N ALA A 296 -11.56 -15.18 12.63
CA ALA A 296 -10.58 -15.75 11.69
C ALA A 296 -10.61 -14.93 10.37
N PHE A 297 -9.45 -14.69 9.75
CA PHE A 297 -9.35 -14.21 8.36
C PHE A 297 -9.66 -15.39 7.43
N ASP A 298 -10.16 -15.10 6.22
CA ASP A 298 -10.61 -16.14 5.25
C ASP A 298 -9.53 -17.23 5.13
N TRP A 299 -8.25 -16.87 5.18
CA TRP A 299 -7.13 -17.75 4.81
C TRP A 299 -6.67 -18.62 6.00
N GLU A 300 -7.23 -18.44 7.21
CA GLU A 300 -6.93 -19.34 8.38
C GLU A 300 -7.99 -20.45 8.49
N LYS A 301 -8.16 -21.01 9.71
CA LYS A 301 -9.26 -21.92 10.13
C LYS A 301 -8.66 -23.14 10.81
#